data_3GH6
#
_entry.id   3GH6
#
_cell.length_a   73.309
_cell.length_b   87.225
_cell.length_c   105.460
_cell.angle_alpha   90.00
_cell.angle_beta   90.00
_cell.angle_gamma   90.00
#
_symmetry.space_group_name_H-M   'I 21 21 21'
#
loop_
_entity.id
_entity.type
_entity.pdbx_description
1 polymer 'CG18548-PA (IP02196p) (IP02193p)'
2 non-polymer GLUTATHIONE
3 water water
#
_entity_poly.entity_id   1
_entity_poly.type   'polypeptide(L)'
_entity_poly.pdbx_seq_one_letter_code
;MDLYYRPGSAPCRSVLMTAKALGVEFDKKTIINTRAREQFTPEYLKINPQHTIPTLHDHGFALWESRAIMVYLVEKYGKD
DKLFPKDVQKQALINQRLYFDMGTLYKSFSEYYYPQIFLKKPANEENYKKIEVAFEFLNTFLEGQTYSAGGDYSLADIAF
LATVSTFDVAGFDFKRYANVARWYENAKKLTPGWEENWAGCQEFRKYFDN
;
_entity_poly.pdbx_strand_id   A
#
# COMPACT_ATOMS: atom_id res chain seq x y z
N MET A 1 -4.81 -20.04 -2.92
CA MET A 1 -4.14 -19.34 -1.77
C MET A 1 -5.12 -18.56 -0.89
N ASP A 2 -4.72 -18.30 0.36
CA ASP A 2 -5.54 -17.60 1.35
C ASP A 2 -4.87 -16.27 1.65
N LEU A 3 -5.65 -15.21 1.59
CA LEU A 3 -5.18 -13.89 2.01
C LEU A 3 -5.80 -13.54 3.35
N TYR A 4 -4.95 -13.19 4.32
CA TYR A 4 -5.39 -12.69 5.61
C TYR A 4 -5.18 -11.17 5.61
N TYR A 5 -6.23 -10.40 5.86
CA TYR A 5 -6.17 -8.96 5.57
C TYR A 5 -7.23 -8.18 6.34
N ARG A 6 -7.23 -6.86 6.17
CA ARG A 6 -8.39 -6.02 6.52
C ARG A 6 -8.61 -5.05 5.37
N PRO A 7 -9.89 -4.80 5.02
CA PRO A 7 -10.16 -3.94 3.87
C PRO A 7 -9.64 -2.51 4.05
N GLY A 8 -9.61 -2.01 5.28
CA GLY A 8 -9.18 -0.62 5.56
C GLY A 8 -7.69 -0.40 5.48
N SER A 9 -6.92 -1.48 5.62
CA SER A 9 -5.46 -1.42 5.79
C SER A 9 -4.75 -1.12 4.47
N ALA A 10 -3.95 -0.05 4.47
CA ALA A 10 -3.23 0.34 3.26
C ALA A 10 -2.33 -0.77 2.70
N PRO A 11 -1.52 -1.43 3.56
CA PRO A 11 -0.67 -2.49 2.97
C PRO A 11 -1.51 -3.64 2.42
N CYS A 12 -2.67 -3.89 3.03
CA CYS A 12 -3.57 -4.91 2.47
C CYS A 12 -4.14 -4.46 1.13
N ARG A 13 -4.53 -3.19 1.03
CA ARG A 13 -5.10 -2.66 -0.19
C ARG A 13 -4.11 -2.68 -1.36
N SER A 14 -2.82 -2.50 -1.06
CA SER A 14 -1.82 -2.57 -2.12
C SER A 14 -1.78 -3.99 -2.70
N VAL A 15 -1.89 -4.99 -1.82
CA VAL A 15 -1.94 -6.40 -2.25
C VAL A 15 -3.23 -6.67 -3.06
N LEU A 16 -4.35 -6.17 -2.57
CA LEU A 16 -5.62 -6.36 -3.28
C LEU A 16 -5.59 -5.76 -4.69
N MET A 17 -5.06 -4.53 -4.80
CA MET A 17 -4.96 -3.88 -6.11
C MET A 17 -4.04 -4.65 -7.05
N THR A 18 -2.96 -5.19 -6.50
CA THR A 18 -2.03 -6.01 -7.30
C THR A 18 -2.70 -7.28 -7.82
N ALA A 19 -3.40 -8.00 -6.96
CA ALA A 19 -4.14 -9.19 -7.39
C ALA A 19 -5.13 -8.84 -8.51
N LYS A 20 -5.86 -7.74 -8.35
CA LYS A 20 -6.81 -7.30 -9.39
C LYS A 20 -6.11 -7.00 -10.71
N ALA A 21 -4.97 -6.31 -10.64
CA ALA A 21 -4.21 -5.97 -11.83
C ALA A 21 -3.76 -7.23 -12.59
N LEU A 22 -3.50 -8.30 -11.85
CA LEU A 22 -2.96 -9.53 -12.41
C LEU A 22 -4.02 -10.55 -12.78
N GLY A 23 -5.27 -10.26 -12.43
CA GLY A 23 -6.36 -11.23 -12.60
C GLY A 23 -6.26 -12.44 -11.68
N VAL A 24 -5.67 -12.22 -10.50
CA VAL A 24 -5.49 -13.24 -9.48
C VAL A 24 -6.67 -13.24 -8.53
N GLU A 25 -7.22 -14.43 -8.25
CA GLU A 25 -8.28 -14.55 -7.24
C GLU A 25 -7.73 -15.29 -6.05
N PHE A 26 -8.10 -14.85 -4.86
CA PHE A 26 -7.73 -15.59 -3.67
C PHE A 26 -8.86 -16.55 -3.35
N ASP A 27 -8.53 -17.83 -3.26
CA ASP A 27 -9.53 -18.87 -2.97
C ASP A 27 -10.15 -18.70 -1.58
N LYS A 28 -9.37 -18.18 -0.63
CA LYS A 28 -9.94 -17.75 0.63
C LYS A 28 -9.46 -16.35 0.96
N LYS A 29 -10.40 -15.51 1.39
CA LYS A 29 -10.06 -14.19 1.90
C LYS A 29 -10.59 -14.10 3.33
N THR A 30 -9.69 -13.86 4.28
CA THR A 30 -10.04 -13.85 5.69
C THR A 30 -9.75 -12.50 6.32
N ILE A 31 -10.80 -11.84 6.83
CA ILE A 31 -10.61 -10.60 7.57
C ILE A 31 -10.20 -10.91 8.99
N ILE A 32 -9.03 -10.41 9.37
CA ILE A 32 -8.50 -10.60 10.72
C ILE A 32 -8.97 -9.47 11.62
N ASN A 33 -9.63 -9.84 12.71
CA ASN A 33 -10.03 -8.91 13.73
C ASN A 33 -8.87 -8.69 14.69
N THR A 34 -8.14 -7.59 14.49
CA THR A 34 -6.95 -7.29 15.31
C THR A 34 -7.33 -6.76 16.69
N ARG A 35 -8.49 -6.12 16.80
CA ARG A 35 -9.06 -5.75 18.11
C ARG A 35 -9.26 -6.98 18.98
N ALA A 36 -9.85 -8.03 18.40
CA ALA A 36 -10.06 -9.30 19.11
C ALA A 36 -8.79 -10.14 19.13
N ARG A 37 -7.68 -9.53 18.73
CA ARG A 37 -6.36 -10.17 18.75
C ARG A 37 -6.35 -11.53 18.03
N GLU A 38 -7.08 -11.62 16.92
CA GLU A 38 -7.14 -12.85 16.13
C GLU A 38 -5.80 -13.23 15.51
N GLN A 39 -4.90 -12.25 15.37
CA GLN A 39 -3.57 -12.51 14.81
C GLN A 39 -2.64 -13.20 15.81
N PHE A 40 -3.08 -13.27 17.07
CA PHE A 40 -2.29 -13.88 18.13
C PHE A 40 -2.65 -15.35 18.43
N THR A 41 -3.64 -15.90 17.72
CA THR A 41 -3.98 -17.32 17.88
C THR A 41 -2.79 -18.21 17.50
N PRO A 42 -2.65 -19.40 18.13
CA PRO A 42 -1.56 -20.31 17.76
C PRO A 42 -1.56 -20.66 16.28
N GLU A 43 -2.74 -20.76 15.67
CA GLU A 43 -2.87 -21.11 14.26
C GLU A 43 -2.31 -20.02 13.36
N TYR A 44 -2.57 -18.76 13.71
CA TYR A 44 -2.08 -17.63 12.92
C TYR A 44 -0.56 -17.48 13.06
N LEU A 45 -0.07 -17.61 14.28
CA LEU A 45 1.37 -17.50 14.56
C LEU A 45 2.19 -18.59 13.85
N LYS A 46 1.59 -19.76 13.66
CA LYS A 46 2.22 -20.86 12.91
C LYS A 46 2.45 -20.49 11.45
N ILE A 47 1.58 -19.63 10.89
CA ILE A 47 1.71 -19.15 9.51
C ILE A 47 2.65 -17.95 9.46
N ASN A 48 2.41 -16.99 10.35
CA ASN A 48 3.18 -15.76 10.40
C ASN A 48 3.50 -15.41 11.85
N PRO A 49 4.71 -15.76 12.32
CA PRO A 49 5.08 -15.46 13.71
C PRO A 49 5.14 -13.96 14.03
N GLN A 50 5.24 -13.11 13.01
CA GLN A 50 5.21 -11.66 13.24
C GLN A 50 3.77 -11.15 13.43
N HIS A 51 2.80 -12.05 13.28
CA HIS A 51 1.37 -11.71 13.47
C HIS A 51 0.94 -10.39 12.81
N THR A 52 1.27 -10.24 11.53
CA THR A 52 0.87 -9.06 10.78
C THR A 52 -0.10 -9.39 9.66
N ILE A 53 -0.78 -8.37 9.18
CA ILE A 53 -1.51 -8.42 7.90
C ILE A 53 -0.94 -7.35 6.95
N PRO A 54 -0.94 -7.61 5.64
CA PRO A 54 -1.44 -8.82 4.97
C PRO A 54 -0.52 -10.01 5.12
N THR A 55 -1.09 -11.22 5.15
CA THR A 55 -0.31 -12.45 5.07
C THR A 55 -0.94 -13.30 3.98
N LEU A 56 -0.08 -13.87 3.13
CA LEU A 56 -0.51 -14.76 2.06
C LEU A 56 -0.09 -16.18 2.44
N HIS A 57 -0.98 -17.14 2.22
CA HIS A 57 -0.62 -18.55 2.43
C HIS A 57 -0.88 -19.24 1.11
N ASP A 58 0.18 -19.72 0.48
CA ASP A 58 0.11 -20.27 -0.87
C ASP A 58 0.68 -21.69 -0.89
N HIS A 59 -0.20 -22.67 -0.74
CA HIS A 59 0.20 -24.10 -0.73
C HIS A 59 1.34 -24.39 0.24
N GLY A 60 1.18 -23.98 1.49
CA GLY A 60 2.21 -24.23 2.51
C GLY A 60 3.32 -23.19 2.57
N PHE A 61 3.42 -22.34 1.56
CA PHE A 61 4.33 -21.19 1.61
C PHE A 61 3.61 -20.00 2.24
N ALA A 62 4.17 -19.46 3.32
CA ALA A 62 3.59 -18.28 3.98
C ALA A 62 4.46 -17.08 3.65
N LEU A 63 3.83 -15.94 3.44
CA LEU A 63 4.58 -14.73 3.09
C LEU A 63 3.89 -13.53 3.71
N TRP A 64 4.68 -12.62 4.25
CA TRP A 64 4.11 -11.33 4.65
C TRP A 64 5.04 -10.23 4.20
N GLU A 65 4.73 -8.99 4.62
CA GLU A 65 5.21 -7.73 4.01
C GLU A 65 4.54 -7.48 2.68
N SER A 66 3.63 -6.52 2.67
CA SER A 66 2.84 -6.21 1.49
C SER A 66 3.66 -6.11 0.20
N ARG A 67 4.80 -5.44 0.25
CA ARG A 67 5.53 -5.14 -0.97
C ARG A 67 6.30 -6.39 -1.45
N ALA A 68 6.66 -7.28 -0.51
CA ALA A 68 7.18 -8.61 -0.86
C ALA A 68 6.09 -9.45 -1.51
N ILE A 69 4.88 -9.36 -0.97
CA ILE A 69 3.75 -10.09 -1.55
C ILE A 69 3.46 -9.59 -2.95
N MET A 70 3.52 -8.27 -3.15
CA MET A 70 3.22 -7.69 -4.47
C MET A 70 4.18 -8.23 -5.54
N VAL A 71 5.48 -8.22 -5.24
CA VAL A 71 6.48 -8.76 -6.17
C VAL A 71 6.29 -10.26 -6.40
N TYR A 72 6.03 -11.01 -5.34
CA TYR A 72 5.76 -12.46 -5.42
C TYR A 72 4.59 -12.74 -6.37
N LEU A 73 3.50 -11.99 -6.22
CA LEU A 73 2.35 -12.19 -7.10
C LEU A 73 2.68 -11.95 -8.57
N VAL A 74 3.40 -10.86 -8.86
CA VAL A 74 3.78 -10.56 -10.25
C VAL A 74 4.69 -11.66 -10.81
N GLU A 75 5.68 -12.06 -10.03
CA GLU A 75 6.65 -13.06 -10.48
C GLU A 75 6.04 -14.44 -10.64
N LYS A 76 5.16 -14.83 -9.73
CA LYS A 76 4.60 -16.17 -9.80
C LYS A 76 3.37 -16.27 -10.71
N TYR A 77 2.48 -15.29 -10.62
CA TYR A 77 1.17 -15.40 -11.26
C TYR A 77 0.94 -14.44 -12.43
N GLY A 78 1.86 -13.51 -12.64
CA GLY A 78 1.72 -12.52 -13.69
C GLY A 78 1.78 -13.17 -15.06
N LYS A 79 0.87 -12.79 -15.95
CA LYS A 79 0.90 -13.29 -17.32
C LYS A 79 2.03 -12.61 -18.09
N ASP A 80 2.41 -11.43 -17.62
CA ASP A 80 3.61 -10.75 -18.09
C ASP A 80 4.30 -10.08 -16.89
N ASP A 81 5.45 -9.47 -17.14
CA ASP A 81 6.24 -8.80 -16.11
C ASP A 81 6.11 -7.26 -16.19
N LYS A 82 5.05 -6.77 -16.83
CA LYS A 82 4.92 -5.32 -17.05
C LYS A 82 5.03 -4.49 -15.76
N LEU A 83 4.47 -4.99 -14.67
CA LEU A 83 4.44 -4.26 -13.39
C LEU A 83 5.76 -4.33 -12.63
N PHE A 84 6.61 -5.29 -13.01
CA PHE A 84 7.90 -5.51 -12.35
C PHE A 84 8.83 -6.19 -13.38
N PRO A 85 9.33 -5.41 -14.35
CA PRO A 85 10.08 -5.95 -15.49
C PRO A 85 11.38 -6.65 -15.08
N LYS A 86 11.83 -7.62 -15.87
CA LYS A 86 13.05 -8.36 -15.51
C LYS A 86 14.32 -7.50 -15.56
N ASP A 87 14.27 -6.44 -16.36
CA ASP A 87 15.36 -5.47 -16.51
C ASP A 87 15.86 -5.01 -15.15
N VAL A 88 17.16 -5.21 -14.92
CA VAL A 88 17.77 -4.94 -13.60
C VAL A 88 17.63 -3.48 -13.16
N GLN A 89 17.82 -2.55 -14.07
CA GLN A 89 17.70 -1.13 -13.72
C GLN A 89 16.25 -0.71 -13.49
N LYS A 90 15.35 -1.27 -14.29
CA LYS A 90 13.92 -0.97 -14.10
C LYS A 90 13.43 -1.49 -12.76
N GLN A 91 13.83 -2.71 -12.42
CA GLN A 91 13.49 -3.30 -11.13
C GLN A 91 14.08 -2.50 -9.98
N ALA A 92 15.31 -2.02 -10.15
CA ALA A 92 15.97 -1.31 -9.06
C ALA A 92 15.26 0.00 -8.73
N LEU A 93 14.82 0.70 -9.77
CA LEU A 93 14.08 1.95 -9.58
C LEU A 93 12.76 1.65 -8.86
N ILE A 94 12.05 0.61 -9.30
CA ILE A 94 10.80 0.23 -8.62
C ILE A 94 11.08 -0.15 -7.17
N ASN A 95 12.16 -0.91 -6.93
CA ASN A 95 12.50 -1.29 -5.56
C ASN A 95 12.79 -0.08 -4.68
N GLN A 96 13.53 0.89 -5.21
CA GLN A 96 13.81 2.10 -4.43
C GLN A 96 12.52 2.81 -4.05
N ARG A 97 11.61 2.93 -5.00
CA ARG A 97 10.31 3.57 -4.75
C ARG A 97 9.48 2.77 -3.74
N LEU A 98 9.57 1.46 -3.78
CA LEU A 98 8.84 0.63 -2.79
C LEU A 98 9.39 0.84 -1.39
N TYR A 99 10.72 0.91 -1.25
CA TYR A 99 11.30 1.21 0.07
C TYR A 99 10.95 2.62 0.51
N PHE A 100 10.89 3.56 -0.43
CA PHE A 100 10.49 4.92 -0.12
C PHE A 100 9.05 4.93 0.41
N ASP A 101 8.16 4.21 -0.27
CA ASP A 101 6.78 4.12 0.17
C ASP A 101 6.70 3.59 1.62
N MET A 102 7.46 2.54 1.93
CA MET A 102 7.42 2.00 3.29
C MET A 102 8.08 2.91 4.33
N GLY A 103 9.30 3.32 4.03
CA GLY A 103 10.18 3.93 5.00
C GLY A 103 10.07 5.42 5.15
N THR A 104 9.48 6.06 4.15
CA THR A 104 9.37 7.51 4.16
C THR A 104 7.91 7.93 4.09
N LEU A 105 7.21 7.54 3.02
CA LEU A 105 5.86 8.05 2.79
C LEU A 105 4.81 7.46 3.73
N TYR A 106 4.61 6.15 3.69
CA TYR A 106 3.64 5.56 4.61
C TYR A 106 4.09 5.67 6.07
N LYS A 107 5.40 5.61 6.32
CA LYS A 107 5.91 5.85 7.69
C LYS A 107 5.44 7.21 8.21
N SER A 108 5.45 8.23 7.35
CA SER A 108 5.01 9.56 7.81
C SER A 108 3.51 9.55 8.13
N PHE A 109 2.75 8.74 7.39
CA PHE A 109 1.33 8.59 7.67
C PHE A 109 1.11 8.00 9.07
N SER A 110 1.69 6.84 9.31
CA SER A 110 1.41 6.14 10.55
C SER A 110 1.93 6.94 11.75
N GLU A 111 3.10 7.56 11.62
CA GLU A 111 3.69 8.28 12.75
C GLU A 111 2.93 9.55 13.13
N TYR A 112 2.25 10.16 12.16
CA TYR A 112 1.41 11.31 12.46
C TYR A 112 0.01 10.93 12.93
N TYR A 113 -0.61 9.98 12.24
CA TYR A 113 -2.03 9.67 12.49
C TYR A 113 -2.28 8.61 13.57
N TYR A 114 -1.47 7.57 13.61
CA TYR A 114 -1.73 6.47 14.55
C TYR A 114 -1.82 6.93 16.02
N PRO A 115 -0.89 7.80 16.47
CA PRO A 115 -0.99 8.26 17.87
C PRO A 115 -2.27 9.03 18.16
N GLN A 116 -2.81 9.71 17.15
CA GLN A 116 -4.07 10.43 17.33
C GLN A 116 -5.27 9.49 17.32
N ILE A 117 -5.35 8.63 16.32
CA ILE A 117 -6.54 7.81 16.14
C ILE A 117 -6.63 6.66 17.16
N PHE A 118 -5.47 6.14 17.58
CA PHE A 118 -5.43 4.96 18.46
C PHE A 118 -5.06 5.27 19.91
N LEU A 119 -4.29 6.34 20.14
CA LEU A 119 -3.85 6.70 21.49
C LEU A 119 -4.40 8.05 21.96
N LYS A 120 -5.27 8.65 21.13
CA LYS A 120 -5.89 9.95 21.41
C LYS A 120 -4.90 11.05 21.82
N LYS A 121 -3.68 10.99 21.29
CA LYS A 121 -2.66 12.01 21.52
C LYS A 121 -2.87 13.20 20.58
N PRO A 122 -2.38 14.40 20.97
CA PRO A 122 -2.59 15.57 20.11
C PRO A 122 -1.72 15.55 18.85
N ALA A 123 -2.22 16.19 17.79
CA ALA A 123 -1.49 16.30 16.53
C ALA A 123 -0.10 16.90 16.74
N ASN A 124 0.92 16.23 16.19
CA ASN A 124 2.32 16.64 16.38
C ASN A 124 2.88 17.39 15.18
N GLU A 125 3.35 18.63 15.41
CA GLU A 125 3.86 19.44 14.31
C GLU A 125 5.08 18.85 13.60
N GLU A 126 6.04 18.30 14.35
CA GLU A 126 7.21 17.71 13.72
C GLU A 126 6.83 16.53 12.83
N ASN A 127 5.90 15.69 13.29
CA ASN A 127 5.44 14.56 12.50
C ASN A 127 4.71 15.01 11.23
N TYR A 128 3.96 16.11 11.30
CA TYR A 128 3.30 16.65 10.10
C TYR A 128 4.33 17.14 9.11
N LYS A 129 5.39 17.80 9.60
CA LYS A 129 6.46 18.28 8.72
C LYS A 129 7.11 17.12 7.95
N LYS A 130 7.22 15.96 8.60
CA LYS A 130 7.76 14.78 7.92
C LYS A 130 6.85 14.28 6.79
N ILE A 131 5.53 14.44 6.94
CA ILE A 131 4.62 14.12 5.83
C ILE A 131 4.94 15.05 4.68
N GLU A 132 5.09 16.34 4.98
CA GLU A 132 5.31 17.32 3.93
C GLU A 132 6.64 17.06 3.21
N VAL A 133 7.66 16.70 3.97
CA VAL A 133 8.97 16.35 3.39
C VAL A 133 8.81 15.16 2.42
N ALA A 134 8.05 14.16 2.84
CA ALA A 134 7.81 12.97 2.01
C ALA A 134 7.03 13.32 0.72
N PHE A 135 5.99 14.15 0.83
CA PHE A 135 5.25 14.54 -0.37
C PHE A 135 6.11 15.38 -1.31
N GLU A 136 6.98 16.23 -0.75
CA GLU A 136 7.90 17.03 -1.57
C GLU A 136 8.79 16.13 -2.40
N PHE A 137 9.34 15.09 -1.76
CA PHE A 137 10.16 14.13 -2.50
C PHE A 137 9.37 13.44 -3.60
N LEU A 138 8.16 12.97 -3.28
CA LEU A 138 7.34 12.29 -4.27
C LEU A 138 7.01 13.24 -5.42
N ASN A 139 6.70 14.49 -5.08
CA ASN A 139 6.42 15.52 -6.07
C ASN A 139 7.61 15.73 -7.02
N THR A 140 8.81 15.68 -6.45
CA THR A 140 10.05 15.78 -7.22
C THR A 140 10.28 14.56 -8.10
N PHE A 141 10.05 13.37 -7.56
CA PHE A 141 10.17 12.13 -8.32
C PHE A 141 9.29 12.19 -9.56
N LEU A 142 8.12 12.81 -9.41
CA LEU A 142 7.13 12.85 -10.47
C LEU A 142 7.27 14.03 -11.45
N GLU A 143 8.27 14.89 -11.24
CA GLU A 143 8.48 16.02 -12.14
C GLU A 143 8.77 15.51 -13.56
N GLY A 144 7.90 15.87 -14.51
CA GLY A 144 8.04 15.44 -15.90
C GLY A 144 7.83 13.96 -16.15
N GLN A 145 7.21 13.27 -15.19
CA GLN A 145 6.98 11.84 -15.27
C GLN A 145 5.52 11.49 -15.08
N THR A 146 4.98 10.72 -16.02
CA THR A 146 3.60 10.24 -15.94
C THR A 146 3.41 9.25 -14.79
N TYR A 147 4.40 8.35 -14.62
CA TYR A 147 4.36 7.30 -13.60
C TYR A 147 5.47 7.50 -12.58
N SER A 148 5.38 6.78 -11.46
CA SER A 148 6.28 7.04 -10.36
C SER A 148 7.63 6.33 -10.41
N ALA A 149 7.76 5.30 -11.26
CA ALA A 149 8.99 4.52 -11.27
C ALA A 149 9.33 3.96 -12.64
N GLY A 150 9.40 4.86 -13.61
CA GLY A 150 9.78 4.48 -14.98
C GLY A 150 8.75 4.95 -15.99
N GLY A 151 8.94 4.54 -17.24
CA GLY A 151 8.06 4.96 -18.34
C GLY A 151 6.70 4.29 -18.37
N ASP A 152 6.51 3.24 -17.57
CA ASP A 152 5.28 2.49 -17.54
C ASP A 152 4.73 2.40 -16.12
N TYR A 153 3.41 2.28 -16.01
CA TYR A 153 2.75 1.96 -14.75
C TYR A 153 3.35 0.70 -14.15
N SER A 154 3.66 0.73 -12.85
CA SER A 154 4.33 -0.39 -12.21
C SER A 154 3.81 -0.62 -10.80
N LEU A 155 4.36 -1.63 -10.12
CA LEU A 155 4.06 -1.88 -8.71
C LEU A 155 4.23 -0.63 -7.84
N ALA A 156 5.19 0.24 -8.19
CA ALA A 156 5.38 1.47 -7.40
C ALA A 156 4.14 2.34 -7.41
N ASP A 157 3.46 2.42 -8.55
CA ASP A 157 2.22 3.20 -8.63
C ASP A 157 1.11 2.59 -7.78
N ILE A 158 1.02 1.26 -7.77
CA ILE A 158 0.04 0.60 -6.91
C ILE A 158 0.33 0.88 -5.43
N ALA A 159 1.59 0.75 -5.02
CA ALA A 159 1.96 1.00 -3.64
C ALA A 159 1.63 2.46 -3.27
N PHE A 160 2.03 3.40 -4.11
CA PHE A 160 1.78 4.80 -3.82
C PHE A 160 0.29 5.11 -3.82
N LEU A 161 -0.49 4.46 -4.68
CA LEU A 161 -1.94 4.67 -4.68
C LEU A 161 -2.55 4.26 -3.34
N ALA A 162 -2.15 3.11 -2.83
CA ALA A 162 -2.62 2.67 -1.50
C ALA A 162 -2.28 3.70 -0.43
N THR A 163 -1.03 4.18 -0.42
CA THR A 163 -0.63 5.18 0.57
C THR A 163 -1.29 6.55 0.41
N VAL A 164 -1.22 7.10 -0.81
CA VAL A 164 -1.76 8.44 -1.05
C VAL A 164 -3.29 8.48 -0.87
N SER A 165 -3.98 7.43 -1.27
CA SER A 165 -5.43 7.37 -1.02
C SER A 165 -5.76 7.36 0.48
N THR A 166 -4.85 6.82 1.30
CA THR A 166 -5.05 6.84 2.76
C THR A 166 -4.91 8.27 3.29
N PHE A 167 -3.87 8.96 2.82
CA PHE A 167 -3.73 10.38 3.12
C PHE A 167 -4.98 11.16 2.70
N ASP A 168 -5.47 10.86 1.49
CA ASP A 168 -6.66 11.50 0.92
C ASP A 168 -7.86 11.35 1.86
N VAL A 169 -8.17 10.11 2.23
CA VAL A 169 -9.35 9.87 3.07
C VAL A 169 -9.18 10.43 4.49
N ALA A 170 -7.92 10.54 4.95
CA ALA A 170 -7.61 11.12 6.25
C ALA A 170 -7.76 12.64 6.27
N GLY A 171 -7.91 13.23 5.09
CA GLY A 171 -8.10 14.68 4.97
C GLY A 171 -6.81 15.47 4.82
N PHE A 172 -5.70 14.78 4.58
CA PHE A 172 -4.45 15.50 4.29
C PHE A 172 -4.54 16.21 2.94
N ASP A 173 -4.39 17.53 2.96
CA ASP A 173 -4.45 18.33 1.75
C ASP A 173 -3.11 18.25 1.02
N PHE A 174 -3.12 17.65 -0.18
CA PHE A 174 -1.91 17.62 -1.01
C PHE A 174 -2.10 18.31 -2.37
N LYS A 175 -3.11 19.16 -2.48
CA LYS A 175 -3.38 19.84 -3.75
C LYS A 175 -2.18 20.60 -4.32
N ARG A 176 -1.41 21.24 -3.43
CA ARG A 176 -0.26 22.06 -3.83
C ARG A 176 0.89 21.28 -4.42
N TYR A 177 0.91 19.96 -4.19
CA TYR A 177 1.93 19.12 -4.77
C TYR A 177 1.42 18.72 -6.13
N ALA A 178 1.67 19.60 -7.10
CA ALA A 178 1.01 19.52 -8.41
C ALA A 178 1.25 18.21 -9.14
N ASN A 179 2.49 17.73 -9.09
CA ASN A 179 2.82 16.48 -9.78
C ASN A 179 2.16 15.30 -9.09
N VAL A 180 2.15 15.30 -7.76
CA VAL A 180 1.45 14.24 -7.02
C VAL A 180 -0.04 14.23 -7.36
N ALA A 181 -0.67 15.41 -7.35
CA ALA A 181 -2.10 15.52 -7.66
C ALA A 181 -2.41 15.02 -9.06
N ARG A 182 -1.57 15.40 -10.02
CA ARG A 182 -1.74 14.99 -11.41
C ARG A 182 -1.54 13.48 -11.57
N TRP A 183 -0.47 12.95 -10.98
CA TRP A 183 -0.19 11.53 -11.01
C TRP A 183 -1.36 10.73 -10.43
N TYR A 184 -1.91 11.22 -9.32
CA TYR A 184 -2.94 10.53 -8.56
C TYR A 184 -4.23 10.39 -9.36
N GLU A 185 -4.69 11.50 -9.94
CA GLU A 185 -5.92 11.45 -10.72
C GLU A 185 -5.77 10.54 -11.92
N ASN A 186 -4.61 10.59 -12.57
CA ASN A 186 -4.35 9.71 -13.71
C ASN A 186 -4.25 8.25 -13.31
N ALA A 187 -3.50 7.96 -12.24
CA ALA A 187 -3.29 6.58 -11.83
C ALA A 187 -4.58 5.86 -11.45
N LYS A 188 -5.51 6.58 -10.82
CA LYS A 188 -6.81 6.02 -10.44
C LYS A 188 -7.50 5.40 -11.64
N LYS A 189 -7.49 6.14 -12.75
CA LYS A 189 -8.15 5.73 -13.99
C LYS A 189 -7.55 4.46 -14.59
N LEU A 190 -6.26 4.22 -14.33
CA LEU A 190 -5.56 3.09 -14.91
C LEU A 190 -5.56 1.84 -14.01
N THR A 191 -6.17 1.97 -12.83
CA THR A 191 -6.12 0.94 -11.81
C THR A 191 -7.45 0.19 -11.69
N PRO A 192 -7.51 -1.05 -12.22
CA PRO A 192 -8.79 -1.78 -12.14
C PRO A 192 -9.25 -2.05 -10.71
N GLY A 193 -8.32 -2.12 -9.75
CA GLY A 193 -8.69 -2.30 -8.35
C GLY A 193 -9.04 -1.05 -7.56
N TRP A 194 -9.17 0.09 -8.24
CA TRP A 194 -9.41 1.37 -7.56
C TRP A 194 -10.69 1.44 -6.70
N GLU A 195 -11.83 1.02 -7.24
CA GLU A 195 -13.10 0.98 -6.46
C GLU A 195 -12.93 0.31 -5.12
N GLU A 196 -12.37 -0.90 -5.15
CA GLU A 196 -12.18 -1.70 -3.97
C GLU A 196 -11.24 -1.01 -2.99
N ASN A 197 -10.17 -0.40 -3.52
CA ASN A 197 -9.27 0.37 -2.67
C ASN A 197 -9.97 1.55 -2.00
N TRP A 198 -10.71 2.32 -2.79
CA TRP A 198 -11.40 3.49 -2.24
C TRP A 198 -12.49 3.06 -1.23
N ALA A 199 -13.19 1.97 -1.52
CA ALA A 199 -14.13 1.40 -0.56
C ALA A 199 -13.46 1.04 0.76
N GLY A 200 -12.27 0.44 0.70
CA GLY A 200 -11.47 0.17 1.88
C GLY A 200 -11.05 1.44 2.62
N CYS A 201 -10.67 2.46 1.85
CA CYS A 201 -10.38 3.77 2.42
C CYS A 201 -11.55 4.29 3.24
N GLN A 202 -12.77 4.08 2.74
CA GLN A 202 -13.98 4.51 3.48
C GLN A 202 -14.12 3.76 4.80
N GLU A 203 -13.74 2.49 4.80
CA GLU A 203 -13.74 1.71 6.03
C GLU A 203 -12.70 2.25 7.03
N PHE A 204 -11.51 2.58 6.52
CA PHE A 204 -10.46 3.14 7.36
C PHE A 204 -10.88 4.48 7.98
N ARG A 205 -11.63 5.25 7.20
CA ARG A 205 -12.12 6.59 7.60
C ARG A 205 -12.93 6.56 8.89
N LYS A 206 -13.54 5.41 9.20
CA LYS A 206 -14.30 5.24 10.43
C LYS A 206 -13.48 5.47 11.70
N TYR A 207 -12.15 5.29 11.61
CA TYR A 207 -11.25 5.55 12.74
C TYR A 207 -11.21 7.03 13.12
N PHE A 208 -11.60 7.90 12.19
CA PHE A 208 -11.60 9.34 12.43
C PHE A 208 -12.92 9.82 13.01
N ASP A 209 -13.97 9.00 12.84
CA ASP A 209 -15.31 9.30 13.35
C ASP A 209 -15.58 8.50 14.62
#